data_9EGR
#
_entry.id   9EGR
#
_cell.length_a   75.451
_cell.length_b   65.114
_cell.length_c   93.957
_cell.angle_alpha   90.000
_cell.angle_beta   93.861
_cell.angle_gamma   90.000
#
_symmetry.space_group_name_H-M   'I 1 2 1'
#
loop_
_entity.id
_entity.type
_entity.pdbx_description
1 polymer 'Thiol:disulfide interchange protein DsbA'
2 non-polymer 'methyl 4-{3-[(5-methyl-1,2-oxazole-3-carbonyl)amino]phenyl}butanoate'
3 water water
#
_entity_poly.entity_id   1
_entity_poly.type   'polypeptide(L)'
_entity_poly.pdbx_seq_one_letter_code
;MKKIWLALAGLVLAFSASAAQYEDGKQYTTLEKPVAGAPQVLEFFSFFCPHCYQFEEVLHISDNVKKKLPEGVKMTKYHV
NFMGGDLGKDLTQAWAVAMALGVEDKVTVPLFEGVQKTQTIRSASDIRDVFINAGIKGEEYDAAWNSFVVKSLVAQQEKA
AADVQLRGVPAMFVNGKYQLNPQGMDTSNMDVFVQQYADTVKYLSEKK
;
_entity_poly.pdbx_strand_id   A,B
#
# COMPACT_ATOMS: atom_id res chain seq x y z
N ALA A 20 5.15 -6.13 32.96
CA ALA A 20 6.31 -5.64 32.21
C ALA A 20 5.87 -4.72 31.08
N GLN A 21 6.71 -3.75 30.72
CA GLN A 21 6.37 -2.83 29.63
C GLN A 21 6.45 -3.51 28.27
N TYR A 22 7.38 -4.45 28.11
CA TYR A 22 7.49 -5.27 26.91
C TYR A 22 7.20 -6.71 27.34
N GLU A 23 6.14 -7.29 26.78
CA GLU A 23 5.65 -8.58 27.26
C GLU A 23 5.73 -9.63 26.16
N ASP A 24 6.37 -10.75 26.47
CA ASP A 24 6.38 -11.91 25.59
C ASP A 24 4.95 -12.33 25.31
N GLY A 25 4.59 -12.42 24.03
CA GLY A 25 3.24 -12.70 23.63
C GLY A 25 2.45 -11.47 23.23
N LYS A 26 2.94 -10.27 23.55
CA LYS A 26 2.25 -9.05 23.19
C LYS A 26 3.06 -8.34 22.12
N GLN A 27 4.01 -7.47 22.48
CA GLN A 27 4.77 -6.72 21.49
C GLN A 27 5.82 -7.56 20.77
N TYR A 28 6.14 -8.75 21.29
CA TYR A 28 7.06 -9.66 20.63
C TYR A 28 6.70 -11.07 21.04
N THR A 29 7.26 -12.04 20.31
CA THR A 29 7.13 -13.45 20.64
C THR A 29 8.50 -14.09 20.64
N THR A 30 8.75 -14.97 21.61
CA THR A 30 9.96 -15.78 21.62
C THR A 30 9.74 -17.02 20.76
N LEU A 31 10.63 -17.25 19.81
CA LEU A 31 10.51 -18.43 18.95
C LEU A 31 10.67 -19.69 19.78
N GLU A 32 9.72 -20.62 19.64
CA GLU A 32 9.84 -21.89 20.34
C GLU A 32 11.05 -22.68 19.87
N LYS A 33 11.41 -22.55 18.59
CA LYS A 33 12.61 -23.17 18.02
C LYS A 33 13.56 -22.06 17.58
N PRO A 34 14.43 -21.59 18.47
CA PRO A 34 15.36 -20.52 18.09
C PRO A 34 16.32 -20.95 16.99
N VAL A 35 16.94 -19.94 16.37
CA VAL A 35 17.77 -20.12 15.19
C VAL A 35 19.17 -19.63 15.52
N ALA A 36 20.11 -20.57 15.67
CA ALA A 36 21.49 -20.18 15.93
C ALA A 36 22.13 -19.59 14.67
N GLY A 37 23.12 -18.73 14.90
CA GLY A 37 23.84 -18.11 13.79
C GLY A 37 23.02 -17.17 12.93
N ALA A 38 21.79 -16.86 13.33
CA ALA A 38 20.93 -16.01 12.53
C ALA A 38 21.42 -14.56 12.56
N PRO A 39 21.04 -13.75 11.57
CA PRO A 39 21.38 -12.33 11.61
C PRO A 39 20.82 -11.65 12.85
N GLN A 40 21.49 -10.57 13.27
CA GLN A 40 21.07 -9.87 14.48
C GLN A 40 19.70 -9.24 14.29
N VAL A 41 19.50 -8.52 13.19
CA VAL A 41 18.20 -7.95 12.85
C VAL A 41 17.87 -8.42 11.44
N LEU A 42 16.79 -9.21 11.32
CA LEU A 42 16.44 -9.85 10.07
C LEU A 42 15.00 -9.50 9.69
N GLU A 43 14.83 -8.76 8.60
N GLU A 43 14.83 -8.84 8.56
CA GLU A 43 13.51 -8.46 8.09
CA GLU A 43 13.52 -8.40 8.08
C GLU A 43 13.22 -9.31 6.86
C GLU A 43 13.19 -9.12 6.78
N PHE A 44 11.95 -9.63 6.67
CA PHE A 44 11.46 -10.25 5.45
C PHE A 44 10.37 -9.37 4.83
N PHE A 45 10.36 -9.31 3.50
CA PHE A 45 9.32 -8.57 2.81
C PHE A 45 9.05 -9.24 1.46
N SER A 46 8.02 -8.72 0.80
CA SER A 46 7.75 -9.02 -0.60
C SER A 46 7.37 -7.71 -1.27
N PHE A 47 7.80 -7.53 -2.51
CA PHE A 47 7.37 -6.35 -3.25
C PHE A 47 5.88 -6.41 -3.61
N PHE A 48 5.24 -7.57 -3.45
CA PHE A 48 3.79 -7.71 -3.61
C PHE A 48 3.01 -7.39 -2.35
N CYS A 49 3.70 -7.18 -1.23
CA CYS A 49 3.05 -7.15 0.08
C CYS A 49 2.61 -5.72 0.41
N PRO A 50 1.30 -5.44 0.50
CA PRO A 50 0.86 -4.05 0.68
C PRO A 50 1.35 -3.41 1.96
N HIS A 51 1.30 -4.12 3.09
CA HIS A 51 1.85 -3.57 4.32
C HIS A 51 3.34 -3.31 4.18
N CYS A 52 4.04 -4.11 3.36
CA CYS A 52 5.47 -3.90 3.18
C CYS A 52 5.73 -2.61 2.42
N TYR A 53 4.86 -2.27 1.47
CA TYR A 53 4.96 -0.97 0.80
C TYR A 53 4.84 0.16 1.81
N GLN A 54 3.86 0.08 2.71
CA GLN A 54 3.74 1.10 3.76
C GLN A 54 4.99 1.11 4.64
N PHE A 55 5.45 -0.06 5.06
CA PHE A 55 6.60 -0.13 5.96
C PHE A 55 7.82 0.56 5.35
N GLU A 56 8.03 0.43 4.04
N GLU A 56 8.02 0.41 4.05
CA GLU A 56 9.19 1.04 3.38
CA GLU A 56 9.26 0.87 3.48
C GLU A 56 8.92 2.46 2.91
C GLU A 56 9.13 2.28 2.90
N GLU A 57 7.90 2.64 2.07
N GLU A 57 8.01 2.58 2.24
CA GLU A 57 7.75 3.91 1.35
CA GLU A 57 7.87 3.82 1.49
C GLU A 57 7.16 5.00 2.22
C GLU A 57 7.27 4.96 2.30
N VAL A 58 6.40 4.67 3.26
CA VAL A 58 5.69 5.65 4.07
C VAL A 58 6.25 5.74 5.49
N LEU A 59 6.47 4.60 6.13
CA LEU A 59 6.95 4.57 7.51
C LEU A 59 8.47 4.49 7.63
N HIS A 60 9.16 3.95 6.61
CA HIS A 60 10.62 3.85 6.61
C HIS A 60 11.11 3.10 7.85
N ILE A 61 10.46 1.95 8.10
CA ILE A 61 10.77 1.16 9.30
C ILE A 61 12.25 0.80 9.37
N SER A 62 12.80 0.26 8.27
CA SER A 62 14.19 -0.22 8.32
C SER A 62 15.14 0.89 8.70
N ASP A 63 14.98 2.07 8.07
N ASP A 63 14.98 2.06 8.08
CA ASP A 63 15.86 3.19 8.37
CA ASP A 63 15.86 3.18 8.36
C ASP A 63 15.76 3.62 9.82
C ASP A 63 15.76 3.63 9.82
N ASN A 64 14.54 3.64 10.38
CA ASN A 64 14.38 4.11 11.74
C ASN A 64 14.86 3.10 12.77
N VAL A 65 14.72 1.81 12.48
CA VAL A 65 15.36 0.79 13.33
C VAL A 65 16.87 0.99 13.33
N LYS A 66 17.45 1.25 12.15
CA LYS A 66 18.90 1.41 12.05
C LYS A 66 19.39 2.56 12.91
N LYS A 67 18.66 3.67 12.93
CA LYS A 67 19.12 4.85 13.65
C LYS A 67 19.04 4.66 15.15
N LYS A 68 18.27 3.69 15.63
CA LYS A 68 18.17 3.39 17.05
C LYS A 68 19.10 2.27 17.50
N LEU A 69 19.73 1.55 16.58
CA LEU A 69 20.65 0.52 16.99
C LEU A 69 22.07 1.06 16.99
N PRO A 70 23.01 0.39 17.66
CA PRO A 70 24.40 0.86 17.65
C PRO A 70 24.97 0.91 16.24
N GLU A 71 25.94 1.79 16.04
CA GLU A 71 26.61 1.89 14.75
C GLU A 71 27.32 0.60 14.41
N GLY A 72 26.89 -0.06 13.33
CA GLY A 72 27.55 -1.24 12.85
C GLY A 72 26.90 -2.56 13.16
N VAL A 73 25.71 -2.56 13.79
CA VAL A 73 24.96 -3.80 13.91
C VAL A 73 24.51 -4.23 12.51
N LYS A 74 24.57 -5.53 12.26
CA LYS A 74 24.14 -6.03 10.96
C LYS A 74 22.62 -6.05 10.93
N MET A 75 22.06 -5.33 9.97
CA MET A 75 20.66 -5.46 9.61
C MET A 75 20.60 -6.15 8.26
N THR A 76 19.74 -7.15 8.15
CA THR A 76 19.59 -7.93 6.93
C THR A 76 18.13 -7.89 6.52
N LYS A 77 17.89 -7.77 5.22
CA LYS A 77 16.54 -7.72 4.68
C LYS A 77 16.48 -8.65 3.49
N TYR A 78 15.54 -9.59 3.54
CA TYR A 78 15.40 -10.62 2.52
C TYR A 78 14.01 -10.59 1.91
N HIS A 79 13.95 -10.95 0.63
CA HIS A 79 12.69 -11.11 -0.10
C HIS A 79 12.16 -12.54 0.06
N VAL A 80 10.85 -12.72 -0.17
CA VAL A 80 10.23 -14.03 0.00
C VAL A 80 9.55 -14.49 -1.28
N ASN A 81 9.36 -15.81 -1.37
CA ASN A 81 8.77 -16.42 -2.57
C ASN A 81 7.27 -16.63 -2.48
N PHE A 82 6.65 -16.60 -1.30
CA PHE A 82 5.29 -17.09 -1.18
C PHE A 82 4.21 -16.07 -1.56
N MET A 83 4.57 -14.94 -2.16
CA MET A 83 3.61 -14.04 -2.76
C MET A 83 3.96 -13.79 -4.23
N GLY A 84 2.95 -13.72 -5.08
CA GLY A 84 3.17 -13.30 -6.44
C GLY A 84 3.66 -14.36 -7.40
N GLY A 85 3.68 -15.63 -6.99
CA GLY A 85 3.91 -16.72 -7.93
C GLY A 85 5.25 -16.61 -8.63
N ASP A 86 5.23 -16.74 -9.96
CA ASP A 86 6.46 -16.78 -10.73
C ASP A 86 7.23 -15.47 -10.60
N LEU A 87 6.54 -14.34 -10.79
CA LEU A 87 7.20 -13.04 -10.70
C LEU A 87 7.73 -12.79 -9.29
N GLY A 88 7.03 -13.29 -8.28
CA GLY A 88 7.51 -13.16 -6.91
C GLY A 88 8.86 -13.82 -6.71
N LYS A 89 9.04 -15.00 -7.31
CA LYS A 89 10.34 -15.68 -7.20
C LYS A 89 11.40 -15.00 -8.06
N ASP A 90 11.01 -14.46 -9.23
CA ASP A 90 11.91 -13.57 -9.98
C ASP A 90 12.37 -12.41 -9.11
N LEU A 91 11.46 -11.83 -8.31
CA LEU A 91 11.87 -10.70 -7.49
C LEU A 91 12.82 -11.11 -6.38
N THR A 92 12.72 -12.34 -5.88
CA THR A 92 13.69 -12.82 -4.91
C THR A 92 15.08 -12.89 -5.54
N GLN A 93 15.16 -13.36 -6.79
CA GLN A 93 16.45 -13.40 -7.48
C GLN A 93 16.94 -11.98 -7.79
N ALA A 94 16.04 -11.08 -8.18
CA ALA A 94 16.42 -9.69 -8.41
C ALA A 94 16.92 -9.03 -7.13
N TRP A 95 16.29 -9.32 -6.01
CA TRP A 95 16.77 -8.76 -4.75
C TRP A 95 18.16 -9.31 -4.40
N ALA A 96 18.43 -10.58 -4.74
CA ALA A 96 19.78 -11.11 -4.59
C ALA A 96 20.78 -10.31 -5.43
N VAL A 97 20.39 -9.97 -6.67
CA VAL A 97 21.24 -9.10 -7.51
C VAL A 97 21.48 -7.77 -6.83
N ALA A 98 20.39 -7.17 -6.29
CA ALA A 98 20.52 -5.88 -5.60
C ALA A 98 21.48 -5.98 -4.43
N MET A 99 21.38 -7.07 -3.65
CA MET A 99 22.31 -7.23 -2.53
C MET A 99 23.73 -7.45 -3.02
N ALA A 100 23.92 -8.25 -4.07
CA ALA A 100 25.26 -8.52 -4.56
C ALA A 100 25.93 -7.26 -5.10
N LEU A 101 25.17 -6.39 -5.76
CA LEU A 101 25.71 -5.17 -6.34
C LEU A 101 25.69 -4.00 -5.38
N GLY A 102 25.03 -4.14 -4.23
CA GLY A 102 24.88 -3.08 -3.25
C GLY A 102 24.04 -1.93 -3.74
N VAL A 103 22.98 -2.21 -4.49
CA VAL A 103 22.15 -1.15 -5.06
C VAL A 103 20.73 -1.18 -4.49
N GLU A 104 20.54 -1.75 -3.30
CA GLU A 104 19.21 -1.78 -2.69
C GLU A 104 18.59 -0.39 -2.62
N ASP A 105 19.38 0.63 -2.26
CA ASP A 105 18.83 1.97 -2.09
C ASP A 105 18.45 2.63 -3.40
N LYS A 106 18.85 2.07 -4.54
CA LYS A 106 18.47 2.60 -5.83
C LYS A 106 17.26 1.92 -6.45
N VAL A 107 16.98 0.66 -6.08
CA VAL A 107 15.92 -0.09 -6.75
C VAL A 107 14.70 -0.37 -5.87
N THR A 108 14.78 -0.16 -4.56
CA THR A 108 13.65 -0.53 -3.69
C THR A 108 12.39 0.25 -4.05
N VAL A 109 12.51 1.57 -4.20
CA VAL A 109 11.34 2.38 -4.54
C VAL A 109 10.78 2.02 -5.92
N PRO A 110 11.57 1.98 -6.99
CA PRO A 110 10.97 1.64 -8.28
C PRO A 110 10.47 0.19 -8.36
N LEU A 111 11.03 -0.76 -7.61
CA LEU A 111 10.44 -2.09 -7.62
C LEU A 111 9.10 -2.08 -6.88
N PHE A 112 9.02 -1.41 -5.72
CA PHE A 112 7.73 -1.33 -5.02
C PHE A 112 6.67 -0.62 -5.87
N GLU A 113 7.03 0.51 -6.49
CA GLU A 113 6.07 1.26 -7.28
C GLU A 113 5.72 0.51 -8.57
N GLY A 114 6.70 -0.20 -9.15
CA GLY A 114 6.43 -0.97 -10.36
C GLY A 114 5.48 -2.12 -10.11
N VAL A 115 5.52 -2.71 -8.91
CA VAL A 115 4.58 -3.78 -8.59
C VAL A 115 3.23 -3.24 -8.10
N GLN A 116 3.23 -2.20 -7.25
CA GLN A 116 2.00 -1.85 -6.56
C GLN A 116 1.36 -0.52 -6.99
N LYS A 117 2.14 0.41 -7.52
CA LYS A 117 1.61 1.74 -7.86
C LYS A 117 1.24 1.81 -9.34
N THR A 118 2.20 1.55 -10.21
CA THR A 118 1.91 1.52 -11.64
C THR A 118 1.55 0.12 -12.14
N GLN A 119 1.97 -0.94 -11.43
CA GLN A 119 1.69 -2.31 -11.83
C GLN A 119 2.24 -2.60 -13.23
N THR A 120 3.33 -1.92 -13.58
CA THR A 120 4.01 -2.13 -14.86
C THR A 120 5.04 -3.25 -14.81
N ILE A 121 5.38 -3.77 -13.64
CA ILE A 121 6.33 -4.89 -13.56
C ILE A 121 5.53 -6.17 -13.73
N ARG A 122 5.63 -6.77 -14.91
CA ARG A 122 4.85 -7.94 -15.25
C ARG A 122 5.71 -9.11 -15.69
N SER A 123 7.00 -8.92 -15.90
CA SER A 123 7.91 -9.94 -16.41
C SER A 123 9.30 -9.70 -15.81
N ALA A 124 10.15 -10.72 -15.94
CA ALA A 124 11.54 -10.54 -15.52
C ALA A 124 12.22 -9.42 -16.30
N SER A 125 11.86 -9.26 -17.59
CA SER A 125 12.41 -8.15 -18.35
C SER A 125 12.02 -6.80 -17.76
N ASP A 126 10.78 -6.68 -17.28
CA ASP A 126 10.36 -5.42 -16.65
C ASP A 126 11.16 -5.15 -15.37
N ILE A 127 11.50 -6.21 -14.62
CA ILE A 127 12.35 -6.03 -13.46
C ILE A 127 13.71 -5.51 -13.90
N ARG A 128 14.29 -6.13 -14.92
CA ARG A 128 15.58 -5.71 -15.45
C ARG A 128 15.55 -4.24 -15.85
N ASP A 129 14.47 -3.80 -16.52
CA ASP A 129 14.34 -2.40 -16.91
C ASP A 129 14.50 -1.45 -15.71
N VAL A 130 13.92 -1.82 -14.56
CA VAL A 130 14.06 -0.98 -13.37
C VAL A 130 15.53 -0.83 -13.00
N PHE A 131 16.30 -1.93 -13.02
CA PHE A 131 17.72 -1.80 -12.73
C PHE A 131 18.43 -0.94 -13.77
N ILE A 132 18.14 -1.15 -15.06
CA ILE A 132 18.74 -0.34 -16.12
C ILE A 132 18.44 1.13 -15.89
N ASN A 133 17.16 1.45 -15.63
CA ASN A 133 16.75 2.84 -15.44
C ASN A 133 17.45 3.47 -14.24
N ALA A 134 17.78 2.66 -13.23
CA ALA A 134 18.45 3.13 -12.02
C ALA A 134 19.96 3.24 -12.19
N GLY A 135 20.48 2.91 -13.36
CA GLY A 135 21.89 3.10 -13.63
C GLY A 135 22.76 1.86 -13.58
N ILE A 136 22.19 0.68 -13.41
CA ILE A 136 22.98 -0.55 -13.46
C ILE A 136 23.06 -0.96 -14.93
N LYS A 137 24.28 -1.07 -15.45
CA LYS A 137 24.44 -1.39 -16.86
C LYS A 137 23.90 -2.79 -17.15
N GLY A 138 23.26 -2.93 -18.32
CA GLY A 138 22.68 -4.22 -18.69
C GLY A 138 23.66 -5.37 -18.59
N GLU A 139 24.90 -5.15 -19.02
CA GLU A 139 25.91 -6.20 -18.94
C GLU A 139 26.16 -6.61 -17.50
N GLU A 140 26.18 -5.64 -16.58
CA GLU A 140 26.48 -5.93 -15.18
C GLU A 140 25.29 -6.62 -14.51
N TYR A 141 24.08 -6.16 -14.78
CA TYR A 141 22.89 -6.82 -14.25
C TYR A 141 22.82 -8.26 -14.72
N ASP A 142 23.01 -8.49 -16.02
CA ASP A 142 22.86 -9.84 -16.58
C ASP A 142 23.91 -10.78 -16.02
N ALA A 143 25.16 -10.31 -15.90
CA ALA A 143 26.21 -11.14 -15.32
C ALA A 143 25.88 -11.52 -13.89
N ALA A 144 25.40 -10.55 -13.09
CA ALA A 144 25.02 -10.86 -11.72
C ALA A 144 23.82 -11.80 -11.67
N TRP A 145 22.80 -11.53 -12.51
CA TRP A 145 21.62 -12.38 -12.52
C TRP A 145 21.97 -13.85 -12.70
N ASN A 146 22.93 -14.15 -13.57
CA ASN A 146 23.31 -15.52 -13.88
C ASN A 146 24.44 -16.06 -13.00
N SER A 147 24.93 -15.29 -12.04
CA SER A 147 26.12 -15.67 -11.27
C SER A 147 25.76 -16.64 -10.14
N PHE A 148 26.75 -17.45 -9.78
CA PHE A 148 26.57 -18.36 -8.65
C PHE A 148 26.67 -17.65 -7.30
N VAL A 149 27.35 -16.51 -7.23
CA VAL A 149 27.24 -15.66 -6.05
C VAL A 149 25.77 -15.29 -5.80
N VAL A 150 25.03 -14.96 -6.86
CA VAL A 150 23.62 -14.63 -6.69
C VAL A 150 22.81 -15.88 -6.36
N LYS A 151 23.12 -17.02 -6.98
CA LYS A 151 22.44 -18.26 -6.61
C LYS A 151 22.60 -18.54 -5.12
N SER A 152 23.78 -18.25 -4.57
CA SER A 152 24.00 -18.49 -3.14
C SER A 152 23.16 -17.55 -2.29
N LEU A 153 23.03 -16.29 -2.71
CA LEU A 153 22.18 -15.35 -1.97
C LEU A 153 20.71 -15.75 -2.05
N VAL A 154 20.27 -16.27 -3.20
CA VAL A 154 18.90 -16.80 -3.29
C VAL A 154 18.71 -17.92 -2.26
N ALA A 155 19.68 -18.83 -2.17
CA ALA A 155 19.58 -19.92 -1.20
C ALA A 155 19.58 -19.41 0.23
N GLN A 156 20.40 -18.41 0.54
CA GLN A 156 20.39 -17.83 1.89
C GLN A 156 19.03 -17.22 2.21
N GLN A 157 18.39 -16.56 1.24
CA GLN A 157 17.06 -16.00 1.51
C GLN A 157 16.05 -17.09 1.80
N GLU A 158 16.06 -18.16 0.99
CA GLU A 158 15.12 -19.27 1.22
C GLU A 158 15.40 -19.94 2.56
N LYS A 159 16.68 -20.15 2.90
CA LYS A 159 16.98 -20.86 4.14
C LYS A 159 16.55 -20.05 5.36
N ALA A 160 16.79 -18.73 5.34
CA ALA A 160 16.41 -17.91 6.48
C ALA A 160 14.92 -17.96 6.70
N ALA A 161 14.14 -17.92 5.62
CA ALA A 161 12.69 -18.03 5.74
C ALA A 161 12.29 -19.37 6.32
N ALA A 162 12.92 -20.45 5.86
CA ALA A 162 12.55 -21.77 6.37
C ALA A 162 12.96 -21.93 7.83
N ASP A 163 14.06 -21.30 8.23
CA ASP A 163 14.53 -21.41 9.60
C ASP A 163 13.50 -20.90 10.60
N VAL A 164 12.75 -19.87 10.25
CA VAL A 164 11.73 -19.30 11.14
C VAL A 164 10.32 -19.74 10.76
N GLN A 165 10.19 -20.71 9.85
CA GLN A 165 8.89 -21.18 9.35
C GLN A 165 8.02 -20.00 8.91
N LEU A 166 8.56 -19.17 8.03
CA LEU A 166 7.91 -17.88 7.72
C LEU A 166 6.63 -18.07 6.90
N ARG A 167 5.53 -17.49 7.39
CA ARG A 167 4.24 -17.57 6.71
C ARG A 167 3.64 -16.22 6.35
N GLY A 168 4.19 -15.12 6.83
CA GLY A 168 3.64 -13.81 6.53
C GLY A 168 4.71 -12.75 6.47
N VAL A 169 4.43 -11.71 5.71
CA VAL A 169 5.26 -10.50 5.68
C VAL A 169 4.36 -9.29 5.85
N PRO A 170 4.91 -8.17 6.32
CA PRO A 170 6.30 -7.97 6.80
C PRO A 170 6.59 -8.72 8.09
N ALA A 171 7.85 -9.08 8.32
CA ALA A 171 8.23 -9.78 9.53
C ALA A 171 9.63 -9.30 9.94
N MET A 172 9.84 -9.14 11.25
CA MET A 172 11.16 -8.80 11.76
C MET A 172 11.52 -9.72 12.91
N PHE A 173 12.75 -10.23 12.88
CA PHE A 173 13.27 -11.12 13.89
C PHE A 173 14.55 -10.54 14.45
N VAL A 174 14.76 -10.71 15.74
CA VAL A 174 15.93 -10.16 16.42
C VAL A 174 16.72 -11.31 17.04
N ASN A 175 18.00 -11.40 16.66
CA ASN A 175 18.96 -12.37 17.21
C ASN A 175 18.51 -13.81 17.05
N GLY A 176 17.72 -14.10 16.02
CA GLY A 176 17.19 -15.42 15.82
C GLY A 176 16.27 -15.93 16.91
N LYS A 177 15.89 -15.09 17.86
CA LYS A 177 15.16 -15.52 19.04
C LYS A 177 13.78 -14.89 19.18
N TYR A 178 13.55 -13.69 18.66
CA TYR A 178 12.32 -12.97 18.95
C TYR A 178 11.71 -12.45 17.67
N GLN A 179 10.40 -12.50 17.57
CA GLN A 179 9.65 -11.94 16.45
C GLN A 179 8.86 -10.72 16.91
N LEU A 180 8.98 -9.62 16.16
CA LEU A 180 8.23 -8.41 16.45
C LEU A 180 6.74 -8.62 16.19
N ASN A 181 5.90 -8.09 17.08
CA ASN A 181 4.46 -8.12 16.91
C ASN A 181 3.91 -6.70 16.90
N PRO A 182 3.81 -6.06 15.74
CA PRO A 182 3.29 -4.69 15.71
C PRO A 182 1.77 -4.59 15.79
N GLN A 183 1.04 -5.72 15.75
CA GLN A 183 -0.38 -5.70 15.45
C GLN A 183 -1.22 -4.97 16.49
N GLY A 184 -0.84 -4.99 17.76
CA GLY A 184 -1.64 -4.30 18.74
C GLY A 184 -1.20 -2.89 19.06
N MET A 185 -0.19 -2.38 18.36
CA MET A 185 0.36 -1.07 18.66
C MET A 185 -0.51 0.05 18.09
N ASP A 186 -0.55 1.16 18.81
CA ASP A 186 -1.31 2.33 18.38
C ASP A 186 -0.71 2.89 17.10
N THR A 187 -1.50 2.91 16.02
CA THR A 187 -1.01 3.42 14.74
C THR A 187 -1.77 4.68 14.29
N SER A 188 -2.37 5.41 15.24
CA SER A 188 -3.03 6.67 14.93
C SER A 188 -2.03 7.76 14.58
N ASN A 189 -0.80 7.65 15.07
CA ASN A 189 0.27 8.57 14.73
C ASN A 189 1.40 7.74 14.15
N MET A 190 1.69 7.97 12.85
N MET A 190 1.74 8.00 12.88
CA MET A 190 2.71 7.20 12.17
CA MET A 190 2.69 7.12 12.22
C MET A 190 4.03 7.25 12.92
C MET A 190 4.10 7.27 12.78
N ASP A 191 4.46 8.46 13.27
CA ASP A 191 5.80 8.65 13.81
C ASP A 191 5.93 8.02 15.18
N VAL A 192 4.86 8.11 15.99
CA VAL A 192 4.89 7.46 17.29
C VAL A 192 4.97 5.94 17.14
N PHE A 193 4.26 5.38 16.18
CA PHE A 193 4.30 3.93 15.96
C PHE A 193 5.70 3.50 15.51
N VAL A 194 6.30 4.25 14.58
CA VAL A 194 7.61 3.88 14.08
C VAL A 194 8.63 3.91 15.22
N GLN A 195 8.53 4.91 16.09
CA GLN A 195 9.41 5.02 17.25
C GLN A 195 9.21 3.86 18.22
N GLN A 196 7.95 3.47 18.47
CA GLN A 196 7.72 2.33 19.34
C GLN A 196 8.30 1.07 18.73
N TYR A 197 8.11 0.88 17.42
CA TYR A 197 8.68 -0.26 16.72
C TYR A 197 10.19 -0.30 16.88
N ALA A 198 10.87 0.82 16.63
CA ALA A 198 12.32 0.86 16.69
C ALA A 198 12.82 0.68 18.13
N ASP A 199 12.16 1.33 19.10
CA ASP A 199 12.55 1.16 20.49
C ASP A 199 12.38 -0.29 20.94
N THR A 200 11.36 -0.99 20.40
CA THR A 200 11.14 -2.39 20.73
C THR A 200 12.25 -3.28 20.15
N VAL A 201 12.65 -3.04 18.89
CA VAL A 201 13.78 -3.78 18.34
C VAL A 201 15.02 -3.55 19.17
N LYS A 202 15.25 -2.30 19.59
CA LYS A 202 16.41 -1.98 20.42
C LYS A 202 16.37 -2.76 21.73
N TYR A 203 15.21 -2.75 22.40
CA TYR A 203 15.04 -3.55 23.62
C TYR A 203 15.34 -5.03 23.36
N LEU A 204 14.80 -5.59 22.27
CA LEU A 204 15.03 -7.00 22.00
C LEU A 204 16.49 -7.28 21.72
N SER A 205 17.16 -6.39 20.99
CA SER A 205 18.58 -6.60 20.69
C SER A 205 19.42 -6.63 21.95
N GLU A 206 18.97 -5.95 23.01
CA GLU A 206 19.72 -5.86 24.25
C GLU A 206 19.38 -6.97 25.24
N LYS A 207 18.45 -7.86 24.91
CA LYS A 207 18.14 -8.97 25.81
C LYS A 207 19.31 -9.94 25.86
N LYS A 208 19.64 -10.40 27.07
CA LYS A 208 20.80 -11.26 27.29
C LYS A 208 20.41 -12.75 27.33
N ALA B 20 -22.03 -9.08 -27.35
CA ALA B 20 -21.55 -7.77 -27.80
C ALA B 20 -20.20 -7.40 -27.18
N GLN B 21 -20.04 -6.11 -26.82
CA GLN B 21 -18.71 -5.60 -26.50
C GLN B 21 -18.24 -6.03 -25.11
N TYR B 22 -19.14 -6.11 -24.15
CA TYR B 22 -18.78 -6.43 -22.76
C TYR B 22 -19.38 -7.77 -22.34
N GLU B 23 -18.64 -8.50 -21.52
CA GLU B 23 -19.05 -9.83 -21.05
C GLU B 23 -18.92 -9.90 -19.55
N ASP B 24 -19.96 -10.40 -18.88
CA ASP B 24 -19.89 -10.64 -17.45
C ASP B 24 -18.75 -11.61 -17.14
N GLY B 25 -17.88 -11.20 -16.24
CA GLY B 25 -16.69 -11.96 -15.91
C GLY B 25 -15.43 -11.44 -16.55
N LYS B 26 -15.54 -10.62 -17.60
CA LYS B 26 -14.39 -10.08 -18.29
C LYS B 26 -14.10 -8.66 -17.81
N GLN B 27 -14.79 -7.67 -18.38
CA GLN B 27 -14.56 -6.28 -17.95
C GLN B 27 -15.27 -5.95 -16.65
N TYR B 28 -16.15 -6.82 -16.16
CA TYR B 28 -16.90 -6.54 -14.94
C TYR B 28 -17.42 -7.86 -14.37
N THR B 29 -17.84 -7.83 -13.12
CA THR B 29 -18.47 -8.97 -12.49
C THR B 29 -19.80 -8.52 -11.89
N THR B 30 -20.66 -9.50 -11.62
CA THR B 30 -22.00 -9.26 -11.14
C THR B 30 -22.07 -9.69 -9.68
N LEU B 31 -22.57 -8.79 -8.83
CA LEU B 31 -22.65 -9.08 -7.40
C LEU B 31 -23.73 -10.12 -7.14
N GLU B 32 -23.40 -11.13 -6.34
CA GLU B 32 -24.37 -12.18 -6.03
C GLU B 32 -25.57 -11.61 -5.31
N LYS B 33 -25.34 -10.71 -4.36
CA LYS B 33 -26.40 -10.13 -3.52
C LYS B 33 -26.32 -8.62 -3.63
N PRO B 34 -26.92 -8.04 -4.67
CA PRO B 34 -26.97 -6.58 -4.74
C PRO B 34 -27.82 -6.01 -3.62
N VAL B 35 -27.57 -4.75 -3.29
CA VAL B 35 -28.38 -4.04 -2.30
C VAL B 35 -28.93 -2.79 -2.95
N ALA B 36 -30.20 -2.51 -2.69
CA ALA B 36 -30.90 -1.40 -3.32
C ALA B 36 -30.45 -0.07 -2.72
N GLY B 37 -30.85 1.02 -3.39
CA GLY B 37 -30.47 2.35 -2.95
C GLY B 37 -29.01 2.68 -3.09
N ALA B 38 -28.24 1.83 -3.75
CA ALA B 38 -26.82 2.11 -3.92
C ALA B 38 -26.66 3.28 -4.89
N PRO B 39 -25.58 4.04 -4.76
CA PRO B 39 -25.31 5.11 -5.73
C PRO B 39 -25.22 4.55 -7.14
N GLN B 40 -25.53 5.40 -8.11
CA GLN B 40 -25.44 5.00 -9.52
C GLN B 40 -24.04 4.52 -9.86
N VAL B 41 -23.02 5.29 -9.50
CA VAL B 41 -21.63 4.94 -9.73
C VAL B 41 -20.86 5.23 -8.45
N LEU B 42 -20.32 4.18 -7.83
CA LEU B 42 -19.65 4.32 -6.54
C LEU B 42 -18.20 3.89 -6.66
N GLU B 43 -17.29 4.83 -6.42
CA GLU B 43 -15.86 4.56 -6.40
C GLU B 43 -15.36 4.56 -4.96
N PHE B 44 -14.52 3.58 -4.62
CA PHE B 44 -13.83 3.51 -3.33
C PHE B 44 -12.34 3.71 -3.51
N PHE B 45 -11.73 4.45 -2.59
CA PHE B 45 -10.28 4.62 -2.62
C PHE B 45 -9.77 4.80 -1.20
N SER B 46 -8.44 4.83 -1.08
CA SER B 46 -7.74 5.21 0.15
C SER B 46 -6.61 6.16 -0.19
N PHE B 47 -6.39 7.16 0.66
CA PHE B 47 -5.26 8.06 0.47
C PHE B 47 -3.91 7.39 0.75
N PHE B 48 -3.91 6.22 1.39
CA PHE B 48 -2.72 5.39 1.55
C PHE B 48 -2.43 4.47 0.38
N CYS B 49 -3.36 4.35 -0.56
CA CYS B 49 -3.32 3.32 -1.58
C CYS B 49 -2.51 3.80 -2.79
N PRO B 50 -1.34 3.20 -3.10
CA PRO B 50 -0.54 3.76 -4.19
C PRO B 50 -1.15 3.56 -5.56
N HIS B 51 -1.81 2.43 -5.80
CA HIS B 51 -2.53 2.26 -7.08
C HIS B 51 -3.60 3.32 -7.24
N CYS B 52 -4.25 3.69 -6.12
CA CYS B 52 -5.29 4.73 -6.15
C CYS B 52 -4.69 6.09 -6.47
N TYR B 53 -3.52 6.38 -5.90
CA TYR B 53 -2.78 7.57 -6.24
C TYR B 53 -2.52 7.62 -7.74
N GLN B 54 -2.10 6.50 -8.34
CA GLN B 54 -1.86 6.46 -9.78
C GLN B 54 -3.16 6.66 -10.56
N PHE B 55 -4.25 6.03 -10.09
CA PHE B 55 -5.55 6.22 -10.71
C PHE B 55 -5.95 7.69 -10.76
N GLU B 56 -5.70 8.43 -9.67
CA GLU B 56 -6.21 9.78 -9.58
C GLU B 56 -5.26 10.79 -10.23
N GLU B 57 -3.96 10.65 -10.03
CA GLU B 57 -3.01 11.69 -10.46
C GLU B 57 -2.48 11.50 -11.87
N VAL B 58 -2.39 10.26 -12.36
CA VAL B 58 -1.83 9.97 -13.68
C VAL B 58 -2.92 9.54 -14.67
N LEU B 59 -3.71 8.52 -14.32
CA LEU B 59 -4.71 8.00 -15.25
C LEU B 59 -5.96 8.88 -15.32
N HIS B 60 -6.24 9.62 -14.24
CA HIS B 60 -7.48 10.38 -14.12
C HIS B 60 -8.70 9.49 -14.42
N ILE B 61 -8.74 8.32 -13.78
CA ILE B 61 -9.84 7.39 -14.01
C ILE B 61 -11.18 8.07 -13.73
N SER B 62 -11.31 8.74 -12.58
CA SER B 62 -12.61 9.32 -12.20
C SER B 62 -13.08 10.36 -13.21
N ASP B 63 -12.17 11.25 -13.65
CA ASP B 63 -12.56 12.27 -14.61
C ASP B 63 -12.91 11.67 -15.97
N ASN B 64 -12.19 10.63 -16.38
CA ASN B 64 -12.51 10.03 -17.67
C ASN B 64 -13.80 9.23 -17.63
N VAL B 65 -14.11 8.61 -16.49
CA VAL B 65 -15.42 8.00 -16.32
C VAL B 65 -16.52 9.06 -16.39
N LYS B 66 -16.34 10.16 -15.64
CA LYS B 66 -17.32 11.25 -15.64
C LYS B 66 -17.64 11.72 -17.06
N LYS B 67 -16.60 11.96 -17.86
CA LYS B 67 -16.78 12.53 -19.19
C LYS B 67 -17.73 11.69 -20.05
N LYS B 68 -17.83 10.40 -19.79
CA LYS B 68 -18.62 9.52 -20.64
C LYS B 68 -19.91 9.03 -19.99
N LEU B 69 -20.23 9.50 -18.79
CA LEU B 69 -21.41 9.01 -18.10
C LEU B 69 -22.67 9.51 -18.79
N PRO B 70 -23.72 8.69 -18.85
CA PRO B 70 -24.98 9.13 -19.45
C PRO B 70 -25.53 10.35 -18.72
N GLU B 71 -26.34 11.12 -19.44
CA GLU B 71 -27.02 12.25 -18.83
C GLU B 71 -27.85 11.78 -17.64
N GLY B 72 -27.70 12.48 -16.51
CA GLY B 72 -28.44 12.15 -15.31
C GLY B 72 -27.78 11.15 -14.39
N VAL B 73 -26.59 10.69 -14.73
CA VAL B 73 -25.83 9.76 -13.90
C VAL B 73 -24.72 10.54 -13.21
N LYS B 74 -24.59 10.35 -11.91
CA LYS B 74 -23.63 11.09 -11.09
C LYS B 74 -22.68 10.11 -10.41
N MET B 75 -21.45 10.54 -10.18
CA MET B 75 -20.44 9.73 -9.53
C MET B 75 -20.41 10.02 -8.04
N THR B 76 -20.22 8.97 -7.25
CA THR B 76 -19.98 9.09 -5.82
C THR B 76 -18.64 8.45 -5.52
N LYS B 77 -17.85 9.08 -4.64
CA LYS B 77 -16.52 8.60 -4.30
C LYS B 77 -16.38 8.55 -2.79
N TYR B 78 -16.09 7.37 -2.24
CA TYR B 78 -15.96 7.18 -0.80
C TYR B 78 -14.56 6.70 -0.46
N HIS B 79 -14.09 7.08 0.73
CA HIS B 79 -12.84 6.64 1.32
C HIS B 79 -13.09 5.37 2.17
N VAL B 80 -12.02 4.57 2.34
CA VAL B 80 -12.10 3.33 3.13
C VAL B 80 -11.16 3.41 4.33
N ASN B 81 -11.47 2.60 5.35
CA ASN B 81 -10.72 2.59 6.60
C ASN B 81 -9.56 1.62 6.62
N PHE B 82 -9.53 0.61 5.75
CA PHE B 82 -8.71 -0.58 6.00
C PHE B 82 -7.27 -0.48 5.49
N MET B 83 -6.81 0.70 5.12
CA MET B 83 -5.39 0.95 4.88
C MET B 83 -4.93 2.10 5.77
N GLY B 84 -3.66 2.06 6.16
CA GLY B 84 -3.10 3.14 6.95
C GLY B 84 -3.22 2.98 8.44
N GLY B 85 -3.53 1.78 8.92
CA GLY B 85 -3.73 1.59 10.35
C GLY B 85 -4.88 2.45 10.85
N ASP B 86 -4.75 2.89 12.10
CA ASP B 86 -5.80 3.67 12.73
C ASP B 86 -5.97 5.06 12.11
N LEU B 87 -4.94 5.59 11.45
CA LEU B 87 -5.04 6.89 10.78
C LEU B 87 -5.94 6.81 9.54
N GLY B 88 -6.11 5.62 8.97
CA GLY B 88 -7.03 5.46 7.86
C GLY B 88 -8.43 5.97 8.18
N LYS B 89 -8.89 5.68 9.39
CA LYS B 89 -10.22 6.12 9.80
C LYS B 89 -10.31 7.64 9.86
N ASP B 90 -9.24 8.30 10.31
CA ASP B 90 -9.27 9.76 10.34
C ASP B 90 -9.31 10.34 8.94
N LEU B 91 -8.71 9.67 7.96
CA LEU B 91 -8.82 10.17 6.59
C LEU B 91 -10.21 9.93 6.04
N THR B 92 -10.90 8.86 6.47
CA THR B 92 -12.29 8.69 6.06
C THR B 92 -13.16 9.83 6.60
N GLN B 93 -12.89 10.26 7.84
CA GLN B 93 -13.64 11.39 8.37
C GLN B 93 -13.24 12.68 7.67
N ALA B 94 -11.95 12.82 7.35
CA ALA B 94 -11.49 13.99 6.59
C ALA B 94 -12.18 14.06 5.22
N TRP B 95 -12.30 12.92 4.56
CA TRP B 95 -12.98 12.89 3.27
C TRP B 95 -14.44 13.29 3.43
N ALA B 96 -15.08 12.86 4.52
CA ALA B 96 -16.44 13.30 4.79
C ALA B 96 -16.51 14.81 4.95
N VAL B 97 -15.50 15.42 5.59
CA VAL B 97 -15.46 16.87 5.69
C VAL B 97 -15.31 17.49 4.30
N ALA B 98 -14.46 16.90 3.45
CA ALA B 98 -14.28 17.44 2.11
C ALA B 98 -15.58 17.37 1.31
N MET B 99 -16.33 16.27 1.44
CA MET B 99 -17.62 16.19 0.77
C MET B 99 -18.59 17.21 1.33
N ALA B 100 -18.66 17.31 2.67
CA ALA B 100 -19.61 18.22 3.30
C ALA B 100 -19.35 19.67 2.90
N LEU B 101 -18.08 20.05 2.78
CA LEU B 101 -17.71 21.41 2.43
C LEU B 101 -17.66 21.64 0.93
N GLY B 102 -17.69 20.58 0.14
CA GLY B 102 -17.60 20.71 -1.31
C GLY B 102 -16.24 21.16 -1.79
N VAL B 103 -15.16 20.69 -1.16
CA VAL B 103 -13.82 21.11 -1.54
C VAL B 103 -13.00 19.91 -2.01
N GLU B 104 -13.67 18.88 -2.53
CA GLU B 104 -12.92 17.70 -2.97
C GLU B 104 -11.83 18.06 -3.97
N ASP B 105 -12.11 18.97 -4.90
CA ASP B 105 -11.11 19.29 -5.93
C ASP B 105 -10.04 20.23 -5.43
N LYS B 106 -10.13 20.68 -4.18
CA LYS B 106 -9.07 21.46 -3.56
C LYS B 106 -8.14 20.63 -2.68
N VAL B 107 -8.59 19.47 -2.20
CA VAL B 107 -7.83 18.72 -1.20
C VAL B 107 -7.49 17.30 -1.63
N THR B 108 -8.04 16.78 -2.73
CA THR B 108 -7.76 15.38 -3.07
C THR B 108 -6.28 15.15 -3.35
N VAL B 109 -5.71 15.92 -4.27
CA VAL B 109 -4.30 15.75 -4.60
C VAL B 109 -3.44 16.17 -3.40
N PRO B 110 -3.72 17.29 -2.72
CA PRO B 110 -2.93 17.58 -1.50
C PRO B 110 -2.95 16.49 -0.44
N LEU B 111 -4.06 15.76 -0.30
CA LEU B 111 -4.07 14.69 0.70
C LEU B 111 -3.29 13.48 0.23
N PHE B 112 -3.41 13.10 -1.05
CA PHE B 112 -2.53 12.07 -1.59
C PHE B 112 -1.06 12.45 -1.42
N GLU B 113 -0.72 13.70 -1.77
CA GLU B 113 0.67 14.14 -1.63
C GLU B 113 1.13 14.10 -0.18
N GLY B 114 0.28 14.57 0.73
CA GLY B 114 0.67 14.65 2.12
C GLY B 114 0.86 13.28 2.75
N VAL B 115 0.06 12.30 2.36
CA VAL B 115 0.25 10.95 2.89
C VAL B 115 1.44 10.27 2.23
N GLN B 116 1.53 10.33 0.89
CA GLN B 116 2.43 9.42 0.19
C GLN B 116 3.70 10.07 -0.33
N LYS B 117 3.68 11.36 -0.69
CA LYS B 117 4.83 11.97 -1.34
C LYS B 117 5.63 12.84 -0.39
N THR B 118 5.08 13.98 0.02
CA THR B 118 5.77 14.82 0.99
C THR B 118 5.79 14.18 2.37
N GLN B 119 4.82 13.32 2.65
CA GLN B 119 4.74 12.59 3.91
C GLN B 119 4.71 13.54 5.10
N THR B 120 3.94 14.61 4.96
CA THR B 120 3.66 15.54 6.03
C THR B 120 2.38 15.23 6.79
N ILE B 121 1.60 14.24 6.37
CA ILE B 121 0.41 13.81 7.08
C ILE B 121 0.77 12.56 7.87
N ARG B 122 0.94 12.73 9.19
CA ARG B 122 1.34 11.64 10.08
C ARG B 122 0.35 11.39 11.20
N SER B 123 -0.61 12.30 11.41
CA SER B 123 -1.67 12.12 12.38
C SER B 123 -2.80 13.05 12.00
N ALA B 124 -3.92 12.93 12.71
CA ALA B 124 -5.14 13.65 12.32
C ALA B 124 -4.92 15.16 12.27
N SER B 125 -4.07 15.71 13.14
N SER B 125 -4.07 15.71 13.15
CA SER B 125 -3.85 17.15 13.16
CA SER B 125 -3.86 17.16 13.14
C SER B 125 -3.22 17.65 11.86
C SER B 125 -3.23 17.64 11.84
N ASP B 126 -2.39 16.82 11.22
CA ASP B 126 -1.77 17.23 9.97
C ASP B 126 -2.79 17.34 8.85
N ILE B 127 -3.88 16.58 8.94
CA ILE B 127 -4.95 16.66 7.93
C ILE B 127 -5.58 18.03 7.95
N ARG B 128 -5.89 18.52 9.15
CA ARG B 128 -6.49 19.84 9.32
C ARG B 128 -5.65 20.90 8.63
N ASP B 129 -4.33 20.80 8.71
CA ASP B 129 -3.47 21.80 8.09
C ASP B 129 -3.65 21.85 6.58
N VAL B 130 -3.92 20.71 5.95
CA VAL B 130 -4.14 20.70 4.50
C VAL B 130 -5.37 21.54 4.15
N PHE B 131 -6.42 21.46 4.96
CA PHE B 131 -7.62 22.23 4.66
C PHE B 131 -7.38 23.72 4.89
N ILE B 132 -6.71 24.06 6.00
CA ILE B 132 -6.43 25.46 6.29
C ILE B 132 -5.53 26.04 5.21
N ASN B 133 -4.55 25.25 4.75
CA ASN B 133 -3.65 25.70 3.70
C ASN B 133 -4.39 25.97 2.40
N ALA B 134 -5.50 25.26 2.17
CA ALA B 134 -6.35 25.50 1.01
C ALA B 134 -7.32 26.67 1.19
N GLY B 135 -7.34 27.31 2.35
CA GLY B 135 -8.17 28.48 2.57
C GLY B 135 -9.42 28.25 3.40
N ILE B 136 -9.68 27.02 3.85
CA ILE B 136 -10.76 26.77 4.79
C ILE B 136 -10.39 27.30 6.17
N LYS B 137 -11.32 27.99 6.84
CA LYS B 137 -11.07 28.45 8.19
C LYS B 137 -11.05 27.28 9.17
N GLY B 138 -10.11 27.35 10.13
CA GLY B 138 -10.01 26.26 11.10
C GLY B 138 -11.28 26.03 11.88
N GLU B 139 -11.95 27.11 12.30
CA GLU B 139 -13.18 26.95 13.06
C GLU B 139 -14.25 26.26 12.21
N GLU B 140 -14.26 26.52 10.91
CA GLU B 140 -15.24 25.88 10.06
C GLU B 140 -14.90 24.42 9.81
N TYR B 141 -13.61 24.11 9.62
CA TYR B 141 -13.19 22.71 9.52
C TYR B 141 -13.57 21.95 10.78
N ASP B 142 -13.28 22.51 11.94
CA ASP B 142 -13.62 21.87 13.20
C ASP B 142 -15.12 21.67 13.34
N ALA B 143 -15.91 22.71 13.06
CA ALA B 143 -17.37 22.57 13.11
C ALA B 143 -17.84 21.46 12.18
N ALA B 144 -17.31 21.42 10.96
CA ALA B 144 -17.70 20.35 10.05
C ALA B 144 -17.26 18.99 10.59
N TRP B 145 -16.04 18.91 11.12
CA TRP B 145 -15.53 17.63 11.60
C TRP B 145 -16.45 17.02 12.64
N ASN B 146 -17.03 17.86 13.49
CA ASN B 146 -17.87 17.41 14.61
C ASN B 146 -19.35 17.43 14.29
N SER B 147 -19.71 17.63 13.03
CA SER B 147 -21.09 17.87 12.65
C SER B 147 -21.87 16.56 12.50
N PHE B 148 -23.20 16.68 12.59
CA PHE B 148 -24.07 15.54 12.32
C PHE B 148 -23.94 15.06 10.87
N VAL B 149 -23.88 15.99 9.91
CA VAL B 149 -23.71 15.63 8.51
C VAL B 149 -22.46 14.76 8.32
N VAL B 150 -21.35 15.12 8.96
CA VAL B 150 -20.11 14.38 8.76
C VAL B 150 -20.19 13.03 9.47
N LYS B 151 -20.73 13.01 10.70
CA LYS B 151 -20.95 11.74 11.39
C LYS B 151 -21.78 10.80 10.52
N SER B 152 -22.83 11.32 9.89
CA SER B 152 -23.66 10.48 9.03
C SER B 152 -22.89 10.02 7.79
N LEU B 153 -22.09 10.91 7.21
CA LEU B 153 -21.32 10.56 6.01
C LEU B 153 -20.30 9.46 6.31
N VAL B 154 -19.65 9.52 7.47
CA VAL B 154 -18.73 8.46 7.87
C VAL B 154 -19.48 7.13 7.93
N ALA B 155 -20.64 7.12 8.59
CA ALA B 155 -21.44 5.90 8.66
C ALA B 155 -21.85 5.42 7.27
N GLN B 156 -22.23 6.35 6.39
CA GLN B 156 -22.61 5.97 5.02
C GLN B 156 -21.44 5.36 4.27
N GLN B 157 -20.24 5.91 4.45
CA GLN B 157 -19.09 5.34 3.75
C GLN B 157 -18.78 3.95 4.27
N GLU B 158 -18.87 3.73 5.59
CA GLU B 158 -18.59 2.43 6.16
C GLU B 158 -19.65 1.42 5.74
N LYS B 159 -20.92 1.81 5.74
CA LYS B 159 -21.98 0.90 5.35
C LYS B 159 -21.86 0.51 3.88
N ALA B 160 -21.52 1.47 3.01
CA ALA B 160 -21.38 1.17 1.59
C ALA B 160 -20.31 0.12 1.33
N ALA B 161 -19.17 0.24 2.02
CA ALA B 161 -18.12 -0.77 1.90
C ALA B 161 -18.59 -2.13 2.42
N ALA B 162 -19.27 -2.14 3.56
CA ALA B 162 -19.78 -3.39 4.11
C ALA B 162 -20.80 -4.02 3.17
N ASP B 163 -21.65 -3.20 2.53
CA ASP B 163 -22.73 -3.73 1.70
C ASP B 163 -22.20 -4.55 0.52
N VAL B 164 -20.99 -4.26 0.03
CA VAL B 164 -20.40 -5.01 -1.07
C VAL B 164 -19.26 -5.91 -0.60
N GLN B 165 -19.14 -6.11 0.71
CA GLN B 165 -18.04 -6.87 1.31
C GLN B 165 -16.70 -6.48 0.71
N LEU B 166 -16.41 -5.19 0.77
CA LEU B 166 -15.23 -4.65 0.10
C LEU B 166 -13.95 -5.14 0.78
N ARG B 167 -13.04 -5.68 -0.02
CA ARG B 167 -11.76 -6.15 0.50
C ARG B 167 -10.56 -5.43 -0.07
N GLY B 168 -10.75 -4.55 -1.06
CA GLY B 168 -9.60 -3.87 -1.63
C GLY B 168 -10.00 -2.67 -2.45
N VAL B 169 -9.04 -1.75 -2.61
CA VAL B 169 -9.20 -0.57 -3.46
C VAL B 169 -7.98 -0.50 -4.37
N PRO B 170 -8.07 0.20 -5.51
CA PRO B 170 -9.25 0.88 -6.09
C PRO B 170 -10.40 -0.07 -6.38
N ALA B 171 -11.63 0.45 -6.37
CA ALA B 171 -12.80 -0.33 -6.70
C ALA B 171 -13.89 0.61 -7.20
N MET B 172 -14.73 0.12 -8.11
CA MET B 172 -15.86 0.90 -8.59
C MET B 172 -17.04 -0.02 -8.84
N PHE B 173 -18.22 0.44 -8.44
CA PHE B 173 -19.44 -0.32 -8.60
C PHE B 173 -20.47 0.51 -9.35
N VAL B 174 -21.38 -0.17 -10.05
CA VAL B 174 -22.44 0.50 -10.78
C VAL B 174 -23.77 -0.02 -10.28
N ASN B 175 -24.58 0.87 -9.72
CA ASN B 175 -25.96 0.60 -9.27
C ASN B 175 -26.05 -0.50 -8.23
N GLY B 176 -24.99 -0.68 -7.45
CA GLY B 176 -24.94 -1.76 -6.48
C GLY B 176 -24.96 -3.15 -7.07
N LYS B 177 -24.85 -3.29 -8.39
CA LYS B 177 -25.06 -4.56 -9.05
C LYS B 177 -23.82 -5.10 -9.75
N TYR B 178 -22.93 -4.24 -10.21
CA TYR B 178 -21.80 -4.64 -11.04
C TYR B 178 -20.53 -4.04 -10.49
N GLN B 179 -19.45 -4.83 -10.53
CA GLN B 179 -18.15 -4.40 -10.05
C GLN B 179 -17.20 -4.33 -11.24
N LEU B 180 -16.52 -3.20 -11.37
CA LEU B 180 -15.55 -3.07 -12.46
C LEU B 180 -14.42 -4.06 -12.26
N ASN B 181 -13.95 -4.67 -13.36
CA ASN B 181 -12.88 -5.66 -13.33
C ASN B 181 -11.74 -5.19 -14.23
N PRO B 182 -10.93 -4.23 -13.78
CA PRO B 182 -9.81 -3.79 -14.62
C PRO B 182 -8.78 -4.88 -14.87
N GLN B 183 -8.70 -5.91 -14.03
CA GLN B 183 -7.81 -7.03 -14.32
C GLN B 183 -8.22 -7.76 -15.60
N GLY B 184 -9.46 -7.61 -16.05
CA GLY B 184 -9.94 -8.17 -17.31
C GLY B 184 -9.81 -7.24 -18.49
N MET B 185 -9.11 -6.13 -18.32
CA MET B 185 -8.86 -5.14 -19.37
C MET B 185 -7.39 -5.15 -19.74
N ASP B 186 -7.09 -4.65 -20.93
CA ASP B 186 -5.72 -4.57 -21.42
C ASP B 186 -5.06 -3.30 -20.87
N THR B 187 -4.01 -3.49 -20.07
CA THR B 187 -3.29 -2.40 -19.44
C THR B 187 -2.08 -1.91 -20.24
N SER B 188 -1.78 -2.53 -21.38
CA SER B 188 -0.50 -2.29 -22.03
C SER B 188 -0.38 -0.86 -22.56
N ASN B 189 -1.48 -0.31 -23.05
CA ASN B 189 -1.55 1.08 -23.50
C ASN B 189 -2.43 1.81 -22.49
N MET B 190 -1.84 2.71 -21.70
CA MET B 190 -2.57 3.34 -20.60
C MET B 190 -3.76 4.15 -21.10
N ASP B 191 -3.57 4.95 -22.16
CA ASP B 191 -4.69 5.73 -22.68
C ASP B 191 -5.84 4.82 -23.13
N VAL B 192 -5.51 3.68 -23.75
CA VAL B 192 -6.56 2.80 -24.24
C VAL B 192 -7.27 2.14 -23.07
N PHE B 193 -6.50 1.76 -22.04
CA PHE B 193 -7.08 1.22 -20.81
C PHE B 193 -8.05 2.20 -20.18
N VAL B 194 -7.66 3.47 -20.09
CA VAL B 194 -8.51 4.43 -19.41
C VAL B 194 -9.84 4.56 -20.13
N GLN B 195 -9.83 4.55 -21.47
CA GLN B 195 -11.10 4.65 -22.19
C GLN B 195 -11.87 3.33 -22.16
N GLN B 196 -11.18 2.18 -22.08
CA GLN B 196 -11.86 0.90 -21.84
CA GLN B 196 -11.91 0.93 -21.88
C GLN B 196 -12.63 0.93 -20.54
N TYR B 197 -11.96 1.40 -19.48
CA TYR B 197 -12.59 1.49 -18.17
C TYR B 197 -13.81 2.41 -18.22
N ALA B 198 -13.62 3.61 -18.77
CA ALA B 198 -14.73 4.57 -18.85
C ALA B 198 -15.86 4.03 -19.72
N ASP B 199 -15.53 3.40 -20.85
CA ASP B 199 -16.61 2.87 -21.70
C ASP B 199 -17.36 1.74 -21.00
N THR B 200 -16.68 0.94 -20.18
CA THR B 200 -17.35 -0.10 -19.41
C THR B 200 -18.34 0.48 -18.41
N VAL B 201 -17.93 1.56 -17.70
CA VAL B 201 -18.86 2.18 -16.76
C VAL B 201 -20.07 2.74 -17.49
N LYS B 202 -19.85 3.38 -18.63
CA LYS B 202 -20.96 3.90 -19.43
C LYS B 202 -21.92 2.78 -19.81
N TYR B 203 -21.39 1.68 -20.34
CA TYR B 203 -22.21 0.53 -20.72
C TYR B 203 -23.04 0.03 -19.54
N LEU B 204 -22.40 -0.16 -18.39
CA LEU B 204 -23.10 -0.70 -17.23
C LEU B 204 -24.15 0.28 -16.71
N SER B 205 -23.85 1.58 -16.77
CA SER B 205 -24.83 2.58 -16.37
C SER B 205 -26.09 2.50 -17.21
N GLU B 206 -25.95 2.07 -18.47
CA GLU B 206 -27.09 2.02 -19.38
C GLU B 206 -27.92 0.75 -19.22
N LYS B 207 -27.41 -0.27 -18.54
CA LYS B 207 -28.20 -1.48 -18.26
C LYS B 207 -29.43 -1.14 -17.42
#